data_7DVY
#
_entry.id   7DVY
#
_cell.length_a   98.670
_cell.length_b   82.048
_cell.length_c   51.738
_cell.angle_alpha   90.000
_cell.angle_beta   115.460
_cell.angle_gamma   90.000
#
_symmetry.space_group_name_H-M   'C 1 2 1'
#
loop_
_entity.id
_entity.type
_entity.pdbx_description
1 polymer '3C-like proteinase'
2 polymer 'nsp9/10 peptidyl substrate'
3 water water
#
loop_
_entity_poly.entity_id
_entity_poly.type
_entity_poly.pdbx_seq_one_letter_code
_entity_poly.pdbx_strand_id
1 'polypeptide(L)'
;SGFRKMAFPSGKVEGCMVQVTCGTTTLNGLWLDDVVYCPRAVICTSEDMLNPNYEDLLIRKSNHNFLVQAGNVQLRVIGH
SMQNCVLKLKVDTANPKTPKYKFVRIQPGQTFSVLACYNGSPSGVYQCAMRPNFTIKGSFLNGSCGSVGFNIDYDCVSFC
YMHHMELPTGVHAGTDLEGNFYGPFVDRQTAQAAGTDTTITVNVLAWLYAAVINGDRWFLNRFTTTLNDFNLVAMKYNYE
PLTQDHVDILGPLSAQTGIAVLDMCASLKELLQNGMNGRTILGSALLEDEFTPFDVVRQCSGVTFQ
;
A
2 'polypeptide(L)' GSLAATVRLQAGNATEVPAN C
#
# COMPACT_ATOMS: atom_id res chain seq x y z
N SER A 1 5.28 -25.19 -5.85
CA SER A 1 3.85 -25.10 -5.55
C SER A 1 3.61 -24.26 -4.32
N GLY A 2 2.34 -23.98 -4.05
CA GLY A 2 1.94 -23.12 -2.96
C GLY A 2 1.72 -21.68 -3.40
N PHE A 3 0.95 -20.97 -2.60
CA PHE A 3 0.62 -19.58 -2.92
C PHE A 3 0.48 -18.84 -1.61
N ARG A 4 1.33 -17.83 -1.41
CA ARG A 4 1.38 -17.09 -0.17
C ARG A 4 1.35 -15.59 -0.47
N LYS A 5 0.80 -14.83 0.47
CA LYS A 5 0.97 -13.38 0.37
C LYS A 5 2.44 -13.06 0.60
N MET A 6 3.15 -12.76 -0.47
CA MET A 6 4.60 -12.57 -0.47
C MET A 6 4.97 -11.11 -0.64
N ALA A 7 5.85 -10.60 0.22
CA ALA A 7 6.36 -9.24 0.07
C ALA A 7 7.71 -9.27 -0.64
N PHE A 8 8.14 -8.10 -1.11
CA PHE A 8 9.49 -8.01 -1.65
C PHE A 8 10.51 -8.05 -0.52
N PRO A 9 11.70 -8.60 -0.78
CA PRO A 9 12.77 -8.50 0.22
C PRO A 9 12.99 -7.04 0.59
N SER A 10 13.03 -6.76 1.90
CA SER A 10 12.96 -5.38 2.39
C SER A 10 14.33 -4.72 2.58
N GLY A 11 15.42 -5.44 2.35
CA GLY A 11 16.75 -4.93 2.71
C GLY A 11 17.08 -3.56 2.13
N LYS A 12 16.80 -3.36 0.84
CA LYS A 12 17.12 -2.08 0.21
C LYS A 12 16.39 -0.91 0.86
N VAL A 13 15.19 -1.14 1.38
CA VAL A 13 14.44 -0.11 2.07
C VAL A 13 14.90 0.05 3.52
N GLU A 14 15.21 -1.06 4.20
CA GLU A 14 15.75 -0.97 5.56
C GLU A 14 16.93 -0.02 5.63
N GLY A 15 17.79 -0.03 4.60
CA GLY A 15 18.97 0.81 4.61
C GLY A 15 18.68 2.28 4.47
N CYS A 16 17.43 2.63 4.20
CA CYS A 16 17.01 4.00 3.99
C CYS A 16 16.20 4.57 5.14
N MET A 17 15.85 3.76 6.14
CA MET A 17 14.95 4.22 7.20
C MET A 17 15.73 4.96 8.27
N VAL A 18 15.22 6.14 8.65
CA VAL A 18 15.79 6.96 9.72
C VAL A 18 14.67 7.41 10.65
N GLN A 19 15.07 8.02 11.77
CA GLN A 19 14.16 8.61 12.73
C GLN A 19 14.24 10.12 12.61
N VAL A 20 13.08 10.79 12.64
CA VAL A 20 13.00 12.23 12.60
C VAL A 20 12.24 12.68 13.83
N THR A 21 12.83 13.60 14.60
CA THR A 21 12.20 14.11 15.81
C THR A 21 12.17 15.62 15.76
N CYS A 22 11.01 16.19 16.09
CA CYS A 22 10.85 17.63 16.19
C CYS A 22 10.06 17.86 17.48
N GLY A 23 10.71 18.47 18.48
CA GLY A 23 10.04 18.60 19.76
C GLY A 23 9.89 17.24 20.41
N THR A 24 8.68 16.95 20.90
CA THR A 24 8.37 15.67 21.52
C THR A 24 7.68 14.72 20.55
N THR A 25 7.61 15.07 19.27
CA THR A 25 7.01 14.24 18.24
C THR A 25 8.11 13.52 17.46
N THR A 26 7.96 12.21 17.29
CA THR A 26 8.93 11.47 16.49
C THR A 26 8.21 10.54 15.53
N LEU A 27 8.88 10.24 14.42
CA LEU A 27 8.34 9.32 13.41
C LEU A 27 9.48 8.90 12.49
N ASN A 28 9.12 8.21 11.41
CA ASN A 28 10.11 7.65 10.51
C ASN A 28 10.32 8.56 9.32
N GLY A 29 11.55 8.54 8.80
CA GLY A 29 11.85 9.21 7.55
C GLY A 29 12.55 8.26 6.59
N LEU A 30 12.57 8.65 5.33
CA LEU A 30 13.18 7.90 4.24
C LEU A 30 14.36 8.68 3.72
N TRP A 31 15.57 8.14 3.87
CA TRP A 31 16.80 8.86 3.56
C TRP A 31 17.36 8.35 2.22
N LEU A 32 17.25 9.19 1.19
CA LEU A 32 17.72 8.89 -0.16
C LEU A 32 18.66 10.01 -0.60
N ASP A 33 19.88 9.63 -1.01
CA ASP A 33 20.93 10.58 -1.35
C ASP A 33 21.06 11.51 -0.14
N ASP A 34 21.07 12.84 -0.31
CA ASP A 34 21.20 13.76 0.81
C ASP A 34 19.86 14.38 1.24
N VAL A 35 18.75 13.67 1.07
CA VAL A 35 17.44 14.17 1.48
C VAL A 35 16.74 13.14 2.34
N VAL A 36 16.10 13.61 3.42
CA VAL A 36 15.22 12.79 4.25
C VAL A 36 13.79 13.26 4.03
N TYR A 37 12.94 12.33 3.56
CA TYR A 37 11.52 12.58 3.33
C TYR A 37 10.75 12.05 4.53
N CYS A 38 9.79 12.82 5.03
CA CYS A 38 8.98 12.37 6.15
C CYS A 38 7.65 13.12 6.14
N PRO A 39 6.65 12.61 6.86
CA PRO A 39 5.35 13.32 6.93
C PRO A 39 5.47 14.65 7.65
N ARG A 40 4.76 15.67 7.14
CA ARG A 40 4.85 16.97 7.80
C ARG A 40 4.20 16.96 9.18
N ALA A 41 3.37 15.96 9.49
CA ALA A 41 2.79 15.85 10.82
C ALA A 41 3.84 15.87 11.93
N VAL A 42 5.12 15.63 11.62
CA VAL A 42 6.16 15.65 12.64
C VAL A 42 6.32 17.03 13.28
N ILE A 43 5.86 18.10 12.64
CA ILE A 43 5.99 19.44 13.24
C ILE A 43 4.78 19.79 14.09
N CYS A 44 3.89 18.83 14.31
CA CYS A 44 2.69 19.04 15.09
C CYS A 44 2.86 18.50 16.50
N THR A 45 2.46 19.29 17.49
CA THR A 45 2.18 18.76 18.82
C THR A 45 0.76 18.22 18.84
N SER A 46 0.41 17.54 19.93
CA SER A 46 -0.95 17.03 20.11
C SER A 46 -1.98 18.12 19.85
N GLU A 47 -1.76 19.32 20.39
CA GLU A 47 -2.75 20.38 20.26
C GLU A 47 -2.84 20.91 18.84
N ASP A 48 -1.76 20.82 18.06
CA ASP A 48 -1.78 21.31 16.69
C ASP A 48 -2.62 20.42 15.78
N MET A 49 -2.88 19.17 16.17
CA MET A 49 -3.28 18.16 15.19
C MET A 49 -4.76 18.23 14.80
N LEU A 50 -5.61 18.91 15.57
CA LEU A 50 -7.01 19.03 15.17
C LEU A 50 -7.17 19.95 13.96
N ASN A 51 -6.45 21.08 13.96
CA ASN A 51 -6.59 22.12 12.95
C ASN A 51 -5.24 22.76 12.63
N PRO A 52 -4.27 21.97 12.17
CA PRO A 52 -2.93 22.53 11.97
C PRO A 52 -2.91 23.44 10.75
N ASN A 53 -2.18 24.56 10.88
CA ASN A 53 -1.77 25.32 9.72
C ASN A 53 -0.29 25.04 9.51
N TYR A 54 0.00 24.18 8.54
CA TYR A 54 1.36 23.66 8.47
C TYR A 54 2.36 24.71 7.99
N GLU A 55 1.95 25.63 7.11
CA GLU A 55 2.91 26.64 6.67
C GLU A 55 3.29 27.53 7.84
N ASP A 56 2.31 27.81 8.70
CA ASP A 56 2.53 28.57 9.93
C ASP A 56 3.46 27.84 10.88
N LEU A 57 3.17 26.56 11.13
CA LEU A 57 3.99 25.77 12.02
C LEU A 57 5.41 25.63 11.48
N LEU A 58 5.55 25.54 10.16
CA LEU A 58 6.87 25.29 9.60
C LEU A 58 7.76 26.53 9.65
N ILE A 59 7.19 27.71 9.38
CA ILE A 59 7.98 28.93 9.37
C ILE A 59 8.56 29.24 10.73
N ARG A 60 7.94 28.75 11.79
CA ARG A 60 8.47 28.88 13.13
C ARG A 60 9.56 27.90 13.45
N LYS A 61 9.96 27.05 12.50
CA LYS A 61 11.02 26.10 12.75
C LYS A 61 12.27 26.49 11.96
N SER A 62 13.41 26.10 12.50
CA SER A 62 14.72 26.20 11.86
C SER A 62 15.25 24.79 11.58
N ASN A 63 16.35 24.72 10.80
CA ASN A 63 16.99 23.43 10.55
C ASN A 63 17.29 22.68 11.85
N HIS A 64 17.84 23.38 12.84
CA HIS A 64 18.25 22.66 14.04
C HIS A 64 17.08 22.18 14.89
N ASN A 65 15.84 22.56 14.56
CA ASN A 65 14.68 21.98 15.22
C ASN A 65 14.40 20.54 14.76
N PHE A 66 15.16 20.01 13.79
CA PHE A 66 14.89 18.68 13.24
C PHE A 66 16.06 17.78 13.60
N LEU A 67 15.80 16.80 14.45
CA LEU A 67 16.80 15.82 14.86
C LEU A 67 16.59 14.56 14.01
N VAL A 68 17.56 14.24 13.17
CA VAL A 68 17.50 13.07 12.30
C VAL A 68 18.58 12.11 12.74
N GLN A 69 18.18 10.88 13.06
CA GLN A 69 19.09 9.86 13.56
C GLN A 69 19.02 8.64 12.67
N ALA A 70 20.19 8.21 12.20
CA ALA A 70 20.33 7.01 11.37
C ALA A 70 21.17 6.03 12.17
N GLY A 71 20.53 5.06 12.79
CA GLY A 71 21.25 4.16 13.67
C GLY A 71 21.82 4.95 14.84
N ASN A 72 23.14 4.90 14.99
CA ASN A 72 23.82 5.64 16.03
C ASN A 72 24.18 7.07 15.59
N VAL A 73 24.10 7.36 14.31
CA VAL A 73 24.60 8.61 13.77
C VAL A 73 23.47 9.63 13.71
N GLN A 74 23.73 10.81 14.27
CA GLN A 74 22.85 11.94 14.03
C GLN A 74 23.25 12.59 12.71
N LEU A 75 22.26 12.90 11.89
CA LEU A 75 22.48 13.57 10.62
C LEU A 75 22.18 15.06 10.79
N ARG A 76 23.06 15.90 10.25
CA ARG A 76 22.89 17.34 10.37
C ARG A 76 21.99 17.83 9.25
N VAL A 77 20.85 18.42 9.62
CA VAL A 77 19.92 19.02 8.67
C VAL A 77 20.47 20.38 8.24
N ILE A 78 20.60 20.58 6.93
CA ILE A 78 21.16 21.80 6.37
C ILE A 78 20.16 22.57 5.53
N GLY A 79 18.92 22.10 5.43
CA GLY A 79 17.88 22.76 4.67
C GLY A 79 16.58 22.01 4.85
N HIS A 80 15.45 22.70 4.77
CA HIS A 80 14.17 22.04 4.91
C HIS A 80 13.17 22.74 4.01
N SER A 81 12.21 21.98 3.51
CA SER A 81 11.11 22.55 2.76
C SER A 81 9.93 21.59 2.83
N MET A 82 8.75 22.13 2.52
CA MET A 82 7.53 21.35 2.51
C MET A 82 7.06 21.16 1.07
N GLN A 83 6.70 19.94 0.73
CA GLN A 83 6.10 19.66 -0.58
C GLN A 83 4.81 18.91 -0.30
N ASN A 84 3.66 19.59 -0.44
CA ASN A 84 2.36 18.97 -0.16
C ASN A 84 2.42 18.44 1.28
N CYS A 85 2.12 17.17 1.53
CA CYS A 85 2.08 16.67 2.91
C CYS A 85 3.38 16.04 3.39
N VAL A 86 4.49 16.16 2.67
CA VAL A 86 5.75 15.66 3.22
C VAL A 86 6.72 16.82 3.42
N LEU A 87 7.70 16.60 4.29
CA LEU A 87 8.87 17.48 4.41
C LEU A 87 10.04 16.86 3.70
N LYS A 88 10.88 17.72 3.10
CA LYS A 88 12.17 17.33 2.54
C LYS A 88 13.25 18.01 3.39
N LEU A 89 13.98 17.21 4.16
CA LEU A 89 15.03 17.68 5.06
C LEU A 89 16.37 17.41 4.38
N LYS A 90 17.01 18.45 3.87
CA LYS A 90 18.32 18.28 3.27
C LYS A 90 19.34 18.05 4.37
N VAL A 91 20.10 16.96 4.27
CA VAL A 91 21.11 16.63 5.26
C VAL A 91 22.49 16.75 4.63
N ASP A 92 23.52 16.77 5.47
CA ASP A 92 24.88 17.00 5.02
C ASP A 92 25.59 15.73 4.60
N THR A 93 24.91 14.58 4.65
CA THR A 93 25.49 13.30 4.27
C THR A 93 24.56 12.58 3.31
N ALA A 94 25.10 12.14 2.17
CA ALA A 94 24.33 11.31 1.25
C ALA A 94 24.32 9.88 1.76
N ASN A 95 23.16 9.25 1.70
CA ASN A 95 23.02 7.88 2.22
C ASN A 95 23.84 6.92 1.36
N PRO A 96 24.90 6.31 1.88
CA PRO A 96 25.70 5.39 1.04
C PRO A 96 24.93 4.15 0.64
N LYS A 97 23.81 3.86 1.30
CA LYS A 97 22.99 2.70 1.00
C LYS A 97 21.84 3.01 0.03
N THR A 98 21.84 4.22 -0.57
CA THR A 98 20.74 4.61 -1.44
C THR A 98 20.63 3.62 -2.61
N PRO A 99 19.51 2.95 -2.77
CA PRO A 99 19.33 2.07 -3.93
C PRO A 99 18.97 2.90 -5.15
N LYS A 100 19.00 2.24 -6.32
CA LYS A 100 18.29 2.83 -7.45
C LYS A 100 16.83 2.91 -7.08
N TYR A 101 16.20 4.05 -7.36
CA TYR A 101 14.83 4.20 -6.91
C TYR A 101 14.04 5.11 -7.85
N LYS A 102 12.72 5.03 -7.69
CA LYS A 102 11.77 5.90 -8.37
C LYS A 102 10.67 6.23 -7.38
N PHE A 103 10.05 7.39 -7.56
CA PHE A 103 8.81 7.75 -6.87
C PHE A 103 7.67 7.56 -7.85
N VAL A 104 6.83 6.55 -7.63
CA VAL A 104 5.73 6.25 -8.54
C VAL A 104 4.46 6.38 -7.73
N ARG A 105 3.39 6.80 -8.37
CA ARG A 105 2.07 6.73 -7.75
C ARG A 105 1.35 5.50 -8.29
N ILE A 106 0.76 4.70 -7.42
CA ILE A 106 0.08 3.50 -7.86
C ILE A 106 -1.41 3.76 -8.02
N GLN A 107 -2.06 2.87 -8.73
CA GLN A 107 -3.49 2.80 -8.98
C GLN A 107 -4.19 1.93 -7.93
N PRO A 108 -5.43 2.25 -7.60
CA PRO A 108 -6.25 1.31 -6.84
C PRO A 108 -6.24 -0.04 -7.51
N GLY A 109 -6.25 -1.08 -6.69
CA GLY A 109 -6.20 -2.42 -7.16
C GLY A 109 -4.80 -2.99 -7.29
N GLN A 110 -3.77 -2.16 -7.23
CA GLN A 110 -2.39 -2.62 -7.33
C GLN A 110 -1.83 -2.92 -5.94
N THR A 111 -0.77 -3.73 -5.89
CA THR A 111 -0.24 -4.17 -4.62
C THR A 111 1.15 -3.60 -4.38
N PHE A 112 1.59 -3.67 -3.12
CA PHE A 112 2.91 -3.19 -2.73
C PHE A 112 3.27 -3.75 -1.38
N SER A 113 4.57 -3.73 -1.08
CA SER A 113 5.09 -4.21 0.19
C SER A 113 5.22 -3.04 1.14
N VAL A 114 4.84 -3.26 2.40
CA VAL A 114 4.96 -2.26 3.45
C VAL A 114 6.06 -2.68 4.40
N LEU A 115 7.03 -1.79 4.64
CA LEU A 115 7.99 -2.02 5.74
C LEU A 115 7.52 -1.20 6.94
N ALA A 116 6.85 -1.88 7.88
CA ALA A 116 6.42 -1.21 9.10
C ALA A 116 7.62 -0.86 9.96
N CYS A 117 7.63 0.37 10.47
N CYS A 117 7.60 0.35 10.52
CA CYS A 117 8.78 0.92 11.17
CA CYS A 117 8.78 0.94 11.13
C CYS A 117 8.33 1.68 12.41
C CYS A 117 8.40 1.79 12.34
N TYR A 118 9.20 1.72 13.41
CA TYR A 118 8.97 2.47 14.63
C TYR A 118 10.30 3.05 15.08
N ASN A 119 10.30 4.37 15.32
CA ASN A 119 11.50 5.09 15.75
C ASN A 119 12.66 4.87 14.79
N GLY A 120 12.35 4.87 13.49
CA GLY A 120 13.34 4.57 12.49
C GLY A 120 13.79 3.13 12.39
N SER A 121 13.25 2.21 13.22
CA SER A 121 13.69 0.82 13.19
C SER A 121 12.66 -0.11 12.55
N PRO A 122 12.99 -0.73 11.43
CA PRO A 122 12.05 -1.67 10.79
C PRO A 122 11.62 -2.79 11.73
N SER A 123 10.32 -3.07 11.73
CA SER A 123 9.78 -4.10 12.60
C SER A 123 9.08 -5.24 11.87
N GLY A 124 8.52 -5.01 10.68
CA GLY A 124 7.90 -6.11 9.93
C GLY A 124 7.65 -5.72 8.49
N VAL A 125 7.41 -6.73 7.66
CA VAL A 125 7.11 -6.50 6.25
C VAL A 125 5.89 -7.33 5.86
N TYR A 126 4.98 -6.70 5.12
CA TYR A 126 3.79 -7.40 4.65
C TYR A 126 3.30 -6.77 3.35
N GLN A 127 2.47 -7.53 2.64
CA GLN A 127 1.94 -7.13 1.35
C GLN A 127 0.54 -6.51 1.53
N CYS A 128 0.26 -5.44 0.77
CA CYS A 128 -0.98 -4.66 0.83
C CYS A 128 -1.48 -4.43 -0.59
N ALA A 129 -2.79 -4.26 -0.73
CA ALA A 129 -3.35 -3.68 -1.94
C ALA A 129 -3.85 -2.27 -1.66
N MET A 130 -3.73 -1.38 -2.64
CA MET A 130 -4.46 -0.12 -2.58
C MET A 130 -5.92 -0.42 -2.88
N ARG A 131 -6.82 -0.15 -1.92
CA ARG A 131 -8.23 -0.45 -2.13
C ARG A 131 -8.80 0.49 -3.17
N PRO A 132 -9.87 0.08 -3.87
CA PRO A 132 -10.58 1.02 -4.77
C PRO A 132 -10.93 2.37 -4.13
N ASN A 133 -11.18 2.41 -2.82
CA ASN A 133 -11.49 3.69 -2.17
C ASN A 133 -10.26 4.38 -1.62
N PHE A 134 -9.06 3.98 -2.10
CA PHE A 134 -7.78 4.60 -1.78
C PHE A 134 -7.35 4.44 -0.32
N THR A 135 -7.93 3.50 0.42
CA THR A 135 -7.38 3.16 1.72
C THR A 135 -6.53 1.90 1.57
N ILE A 136 -5.77 1.59 2.61
CA ILE A 136 -5.15 0.28 2.67
C ILE A 136 -5.52 -0.38 3.99
N LYS A 137 -5.66 -1.71 3.95
CA LYS A 137 -5.93 -2.50 5.15
C LYS A 137 -4.57 -2.98 5.65
N GLY A 138 -3.93 -2.10 6.42
CA GLY A 138 -2.59 -2.31 6.91
C GLY A 138 -2.59 -2.77 8.35
N SER A 139 -1.38 -2.78 8.93
CA SER A 139 -1.19 -3.11 10.35
C SER A 139 -0.20 -2.09 10.88
N PHE A 140 -0.71 -1.11 11.62
CA PHE A 140 0.06 0.08 11.98
C PHE A 140 -0.34 0.53 13.37
N LEU A 141 0.64 0.87 14.21
CA LEU A 141 0.42 1.40 15.55
C LEU A 141 1.01 2.80 15.66
N ASN A 142 0.77 3.48 16.77
CA ASN A 142 1.39 4.78 16.95
C ASN A 142 2.91 4.66 16.82
N GLY A 143 3.51 5.62 16.11
CA GLY A 143 4.91 5.57 15.77
C GLY A 143 5.19 5.07 14.36
N SER A 144 4.20 4.48 13.68
CA SER A 144 4.41 3.96 12.33
C SER A 144 4.43 5.05 11.25
N CYS A 145 3.96 6.26 11.57
CA CYS A 145 3.94 7.36 10.61
C CYS A 145 5.29 7.48 9.92
N GLY A 146 5.25 7.60 8.58
CA GLY A 146 6.48 7.63 7.80
C GLY A 146 6.98 6.29 7.29
N SER A 147 6.42 5.16 7.71
CA SER A 147 6.73 3.89 7.08
C SER A 147 6.33 3.94 5.60
N VAL A 148 7.08 3.22 4.75
CA VAL A 148 6.83 3.34 3.31
C VAL A 148 6.40 2.01 2.70
N GLY A 149 5.74 2.14 1.55
CA GLY A 149 5.34 1.00 0.75
C GLY A 149 6.04 1.11 -0.59
N PHE A 150 6.32 -0.05 -1.19
CA PHE A 150 7.21 -0.09 -2.34
C PHE A 150 7.03 -1.40 -3.12
N ASN A 151 7.56 -1.36 -4.34
CA ASN A 151 7.74 -2.53 -5.18
C ASN A 151 9.19 -2.50 -5.66
N ILE A 152 9.72 -3.66 -6.02
CA ILE A 152 11.08 -3.74 -6.52
C ILE A 152 11.04 -4.44 -7.87
N ASP A 153 11.62 -3.79 -8.88
CA ASP A 153 11.74 -4.34 -10.22
C ASP A 153 13.22 -4.34 -10.54
N TYR A 154 13.76 -5.53 -10.83
CA TYR A 154 15.19 -5.73 -10.91
C TYR A 154 15.81 -5.20 -9.61
N ASP A 155 16.69 -4.21 -9.67
CA ASP A 155 17.26 -3.70 -8.42
C ASP A 155 16.80 -2.28 -8.12
N CYS A 156 15.67 -1.86 -8.69
CA CYS A 156 15.16 -0.50 -8.53
C CYS A 156 13.93 -0.51 -7.61
N VAL A 157 13.99 0.28 -6.55
CA VAL A 157 12.86 0.39 -5.61
C VAL A 157 11.93 1.51 -6.08
N SER A 158 10.71 1.16 -6.43
CA SER A 158 9.68 2.14 -6.79
C SER A 158 8.88 2.40 -5.52
N PHE A 159 9.17 3.51 -4.86
CA PHE A 159 8.42 3.87 -3.67
C PHE A 159 7.07 4.42 -4.11
N CYS A 160 5.99 3.90 -3.52
CA CYS A 160 4.66 4.37 -3.87
C CYS A 160 3.81 4.87 -2.71
N TYR A 161 4.21 4.68 -1.45
CA TYR A 161 3.31 5.03 -0.35
C TYR A 161 4.15 5.50 0.83
N MET A 162 3.72 6.58 1.47
CA MET A 162 4.21 6.91 2.80
C MET A 162 3.03 6.95 3.75
N HIS A 163 3.15 6.26 4.88
CA HIS A 163 2.01 6.12 5.78
C HIS A 163 1.85 7.36 6.65
N HIS A 164 0.60 7.80 6.82
CA HIS A 164 0.31 8.95 7.67
C HIS A 164 -0.63 8.61 8.84
N MET A 165 -1.73 7.91 8.61
CA MET A 165 -2.78 7.96 9.62
C MET A 165 -3.72 6.77 9.50
N GLU A 166 -4.54 6.62 10.55
CA GLU A 166 -5.52 5.55 10.62
C GLU A 166 -6.91 6.17 10.74
N LEU A 167 -7.84 5.70 9.90
CA LEU A 167 -9.21 6.20 9.95
C LEU A 167 -9.95 5.51 11.07
N PRO A 168 -11.11 6.06 11.47
CA PRO A 168 -11.89 5.43 12.54
C PRO A 168 -12.29 3.99 12.27
N THR A 169 -12.45 3.58 11.01
CA THR A 169 -12.77 2.18 10.70
C THR A 169 -11.58 1.23 10.86
N GLY A 170 -10.41 1.72 11.23
CA GLY A 170 -9.26 0.87 11.39
C GLY A 170 -8.40 0.69 10.16
N VAL A 171 -8.76 1.33 9.04
CA VAL A 171 -7.99 1.26 7.82
C VAL A 171 -7.07 2.48 7.76
N HIS A 172 -6.17 2.49 6.79
CA HIS A 172 -5.02 3.38 6.81
C HIS A 172 -4.99 4.23 5.56
N ALA A 173 -4.44 5.44 5.71
CA ALA A 173 -4.36 6.38 4.60
C ALA A 173 -3.01 7.06 4.61
N GLY A 174 -2.53 7.39 3.42
CA GLY A 174 -1.23 8.01 3.30
C GLY A 174 -1.10 8.67 1.96
N THR A 175 0.14 8.97 1.60
CA THR A 175 0.45 9.77 0.43
C THR A 175 1.41 9.01 -0.45
N ASP A 176 1.56 9.51 -1.68
CA ASP A 176 2.71 9.10 -2.49
C ASP A 176 3.93 9.85 -1.95
N LEU A 177 5.09 9.65 -2.57
CA LEU A 177 6.31 10.23 -2.01
C LEU A 177 6.53 11.68 -2.41
N GLU A 178 5.66 12.30 -3.19
CA GLU A 178 5.67 13.75 -3.27
C GLU A 178 4.63 14.37 -2.36
N GLY A 179 4.05 13.56 -1.47
CA GLY A 179 3.19 14.04 -0.41
C GLY A 179 1.75 14.28 -0.80
N ASN A 180 1.30 13.75 -1.94
CA ASN A 180 -0.08 13.90 -2.37
C ASN A 180 -0.88 12.70 -1.87
N PHE A 181 -1.92 12.96 -1.08
CA PHE A 181 -2.68 11.88 -0.50
C PHE A 181 -3.29 10.99 -1.57
N TYR A 182 -3.37 9.70 -1.24
CA TYR A 182 -4.26 8.79 -1.93
C TYR A 182 -5.65 8.98 -1.38
N GLY A 183 -6.60 9.39 -2.21
CA GLY A 183 -7.97 9.52 -1.79
C GLY A 183 -8.28 10.84 -1.12
N PRO A 184 -9.54 11.02 -0.72
CA PRO A 184 -10.03 12.34 -0.30
C PRO A 184 -9.78 12.59 1.19
N PHE A 185 -8.52 12.57 1.59
CA PHE A 185 -8.12 12.64 3.00
C PHE A 185 -7.14 13.79 3.17
N VAL A 186 -7.05 14.27 4.42
CA VAL A 186 -6.13 15.34 4.82
C VAL A 186 -5.45 14.93 6.13
N ASP A 187 -4.25 15.48 6.36
CA ASP A 187 -3.46 15.08 7.53
C ASP A 187 -3.80 15.95 8.74
N ARG A 188 -5.00 15.70 9.25
CA ARG A 188 -5.40 16.31 10.51
C ARG A 188 -6.37 15.38 11.21
N GLN A 189 -6.45 15.52 12.54
CA GLN A 189 -7.20 14.56 13.35
C GLN A 189 -8.66 15.00 13.45
N THR A 190 -9.34 14.86 12.32
CA THR A 190 -10.74 15.19 12.15
C THR A 190 -11.49 13.93 11.74
N ALA A 191 -12.81 14.00 11.83
CA ALA A 191 -13.68 12.94 11.35
C ALA A 191 -13.61 12.90 9.82
N GLN A 192 -13.02 11.85 9.29
CA GLN A 192 -12.99 11.60 7.87
C GLN A 192 -13.38 10.16 7.64
N ALA A 193 -13.99 9.90 6.50
CA ALA A 193 -14.39 8.53 6.16
C ALA A 193 -14.11 8.29 4.69
N ALA A 194 -13.81 7.04 4.37
CA ALA A 194 -13.55 6.67 2.99
C ALA A 194 -14.85 6.46 2.23
N GLY A 195 -14.80 6.62 0.92
CA GLY A 195 -15.91 6.19 0.10
C GLY A 195 -16.17 4.70 0.25
N THR A 196 -17.32 4.27 -0.25
CA THR A 196 -17.66 2.86 -0.14
C THR A 196 -16.69 2.06 -0.99
N ASP A 197 -16.26 0.91 -0.47
CA ASP A 197 -15.29 0.11 -1.19
C ASP A 197 -15.98 -0.91 -2.10
N THR A 198 -15.19 -1.52 -2.98
CA THR A 198 -15.68 -2.55 -3.88
C THR A 198 -14.59 -3.61 -4.00
N THR A 199 -14.95 -4.80 -4.51
CA THR A 199 -13.97 -5.88 -4.67
C THR A 199 -13.29 -5.82 -6.03
N ILE A 200 -11.98 -6.12 -6.06
CA ILE A 200 -11.16 -5.93 -7.24
C ILE A 200 -11.30 -7.19 -8.10
N THR A 201 -12.21 -7.13 -9.09
CA THR A 201 -12.62 -8.31 -9.85
C THR A 201 -11.46 -8.97 -10.59
N VAL A 202 -10.67 -8.20 -11.33
CA VAL A 202 -9.57 -8.81 -12.08
C VAL A 202 -8.64 -9.57 -11.15
N ASN A 203 -8.44 -9.04 -9.93
CA ASN A 203 -7.57 -9.71 -8.97
C ASN A 203 -8.17 -11.03 -8.50
N VAL A 204 -9.49 -11.08 -8.27
CA VAL A 204 -10.11 -12.32 -7.84
C VAL A 204 -9.92 -13.37 -8.94
N LEU A 205 -10.05 -12.97 -10.20
CA LEU A 205 -9.90 -13.90 -11.32
C LEU A 205 -8.47 -14.38 -11.42
N ALA A 206 -7.49 -13.46 -11.26
CA ALA A 206 -6.09 -13.86 -11.20
C ALA A 206 -5.85 -14.91 -10.14
N TRP A 207 -6.44 -14.72 -8.96
CA TRP A 207 -6.26 -15.64 -7.84
C TRP A 207 -6.92 -17.00 -8.14
N LEU A 208 -8.10 -16.99 -8.80
CA LEU A 208 -8.68 -18.25 -9.28
C LEU A 208 -7.74 -18.98 -10.25
N TYR A 209 -7.08 -18.25 -11.16
CA TYR A 209 -6.08 -18.89 -12.02
C TYR A 209 -4.93 -19.48 -11.20
N ALA A 210 -4.42 -18.73 -10.22
CA ALA A 210 -3.41 -19.28 -9.33
C ALA A 210 -3.84 -20.61 -8.73
N ALA A 211 -5.10 -20.68 -8.29
CA ALA A 211 -5.58 -21.89 -7.66
C ALA A 211 -5.56 -23.06 -8.63
N VAL A 212 -5.95 -22.83 -9.89
CA VAL A 212 -5.93 -23.88 -10.91
C VAL A 212 -4.50 -24.32 -11.16
N ILE A 213 -3.58 -23.36 -11.32
CA ILE A 213 -2.17 -23.68 -11.44
C ILE A 213 -1.69 -24.50 -10.26
N ASN A 214 -2.35 -24.35 -9.10
CA ASN A 214 -1.99 -25.09 -7.89
C ASN A 214 -2.91 -26.28 -7.58
N GLY A 215 -3.86 -26.60 -8.46
CA GLY A 215 -4.64 -27.83 -8.37
C GLY A 215 -6.00 -27.76 -7.71
N ASP A 216 -6.43 -26.59 -7.25
CA ASP A 216 -7.82 -26.37 -6.85
C ASP A 216 -8.62 -26.11 -8.13
N ARG A 217 -9.52 -27.04 -8.50
CA ARG A 217 -10.33 -26.80 -9.67
C ARG A 217 -11.77 -27.24 -9.48
N TRP A 218 -12.18 -27.49 -8.23
CA TRP A 218 -13.54 -27.87 -7.93
C TRP A 218 -14.56 -26.80 -8.34
N PHE A 219 -14.15 -25.53 -8.38
CA PHE A 219 -15.04 -24.43 -8.71
C PHE A 219 -15.24 -24.24 -10.21
N LEU A 220 -14.54 -24.99 -11.06
CA LEU A 220 -14.71 -24.80 -12.50
C LEU A 220 -16.03 -25.42 -12.96
N ASN A 221 -16.50 -24.98 -14.12
CA ASN A 221 -17.75 -25.50 -14.66
C ASN A 221 -17.66 -25.47 -16.18
N ARG A 222 -18.62 -26.13 -16.83
CA ARG A 222 -18.69 -26.23 -18.28
C ARG A 222 -19.29 -25.00 -18.93
N PHE A 223 -19.67 -24.01 -18.15
CA PHE A 223 -20.40 -22.86 -18.67
C PHE A 223 -19.47 -21.74 -19.09
N THR A 224 -20.03 -20.82 -19.85
CA THR A 224 -19.35 -19.58 -20.17
C THR A 224 -20.34 -18.45 -19.92
N THR A 225 -19.89 -17.23 -20.16
CA THR A 225 -20.74 -16.07 -20.00
C THR A 225 -20.18 -14.96 -20.87
N THR A 226 -21.01 -13.95 -21.11
CA THR A 226 -20.51 -12.78 -21.80
C THR A 226 -19.97 -11.79 -20.76
N LEU A 227 -19.13 -10.88 -21.23
CA LEU A 227 -18.66 -9.80 -20.37
C LEU A 227 -19.82 -9.01 -19.80
N ASN A 228 -20.79 -8.64 -20.64
CA ASN A 228 -21.93 -7.87 -20.17
C ASN A 228 -22.74 -8.63 -19.13
N ASP A 229 -22.95 -9.93 -19.34
CA ASP A 229 -23.76 -10.70 -18.40
C ASP A 229 -23.01 -10.89 -17.08
N PHE A 230 -21.69 -11.05 -17.13
CA PHE A 230 -20.94 -11.14 -15.89
C PHE A 230 -21.03 -9.83 -15.11
N ASN A 231 -20.81 -8.70 -15.79
CA ASN A 231 -20.82 -7.40 -15.13
C ASN A 231 -22.17 -7.11 -14.49
N LEU A 232 -23.25 -7.69 -15.02
CA LEU A 232 -24.54 -7.61 -14.36
C LEU A 232 -24.51 -8.26 -12.99
N VAL A 233 -23.84 -9.42 -12.88
CA VAL A 233 -23.74 -10.10 -11.59
C VAL A 233 -22.77 -9.36 -10.67
N ALA A 234 -21.67 -8.86 -11.24
CA ALA A 234 -20.69 -8.10 -10.46
C ALA A 234 -21.31 -6.93 -9.75
N MET A 235 -22.15 -6.15 -10.45
CA MET A 235 -22.78 -5.02 -9.80
C MET A 235 -23.67 -5.45 -8.63
N LYS A 236 -24.32 -6.61 -8.74
CA LYS A 236 -25.16 -7.09 -7.65
C LYS A 236 -24.34 -7.38 -6.40
N TYR A 237 -23.11 -7.90 -6.57
CA TYR A 237 -22.29 -8.31 -5.44
C TYR A 237 -21.20 -7.28 -5.11
N ASN A 238 -21.32 -6.06 -5.62
CA ASN A 238 -20.37 -4.99 -5.33
C ASN A 238 -18.94 -5.41 -5.74
N TYR A 239 -18.82 -5.93 -6.95
CA TYR A 239 -17.56 -6.19 -7.61
C TYR A 239 -17.37 -5.12 -8.68
N GLU A 240 -16.13 -4.81 -8.99
CA GLU A 240 -15.86 -3.86 -10.07
C GLU A 240 -16.27 -4.44 -11.42
N PRO A 241 -16.79 -3.61 -12.32
CA PRO A 241 -17.00 -4.06 -13.71
C PRO A 241 -15.70 -4.55 -14.33
N LEU A 242 -15.82 -5.59 -15.15
CA LEU A 242 -14.68 -6.15 -15.83
C LEU A 242 -14.59 -5.55 -17.23
N THR A 243 -13.38 -5.20 -17.64
CA THR A 243 -13.17 -4.58 -18.95
C THR A 243 -12.40 -5.54 -19.86
N GLN A 244 -12.42 -5.20 -21.15
CA GLN A 244 -11.58 -5.94 -22.09
C GLN A 244 -10.10 -5.83 -21.74
N ASP A 245 -9.67 -4.72 -21.14
CA ASP A 245 -8.26 -4.62 -20.76
C ASP A 245 -7.91 -5.64 -19.67
N HIS A 246 -8.80 -5.82 -18.68
CA HIS A 246 -8.60 -6.86 -17.69
C HIS A 246 -8.57 -8.25 -18.34
N VAL A 247 -9.48 -8.52 -19.25
CA VAL A 247 -9.43 -9.77 -19.98
C VAL A 247 -8.08 -9.92 -20.68
N ASP A 248 -7.58 -8.82 -21.26
CA ASP A 248 -6.28 -8.86 -21.93
C ASP A 248 -5.15 -9.16 -20.95
N ILE A 249 -5.15 -8.50 -19.79
CA ILE A 249 -4.08 -8.71 -18.82
C ILE A 249 -4.12 -10.14 -18.29
N LEU A 250 -5.29 -10.75 -18.28
CA LEU A 250 -5.41 -12.13 -17.84
C LEU A 250 -5.01 -13.12 -18.92
N GLY A 251 -4.68 -12.65 -20.12
CA GLY A 251 -4.32 -13.50 -21.24
C GLY A 251 -3.30 -14.57 -20.91
N PRO A 252 -2.12 -14.15 -20.46
CA PRO A 252 -1.08 -15.15 -20.14
C PRO A 252 -1.52 -16.25 -19.19
N LEU A 253 -2.26 -15.90 -18.12
CA LEU A 253 -2.75 -16.90 -17.20
C LEU A 253 -3.82 -17.78 -17.85
N SER A 254 -4.64 -17.21 -18.72
CA SER A 254 -5.66 -18.03 -19.36
C SER A 254 -5.02 -18.98 -20.37
N ALA A 255 -3.94 -18.55 -21.01
CA ALA A 255 -3.23 -19.42 -21.94
C ALA A 255 -2.47 -20.52 -21.20
N GLN A 256 -1.89 -20.18 -20.04
CA GLN A 256 -1.16 -21.19 -19.28
C GLN A 256 -2.07 -22.30 -18.80
N THR A 257 -3.30 -21.99 -18.42
CA THR A 257 -4.20 -22.96 -17.83
C THR A 257 -5.21 -23.55 -18.82
N GLY A 258 -5.33 -22.98 -20.01
CA GLY A 258 -6.34 -23.42 -20.95
C GLY A 258 -7.77 -23.08 -20.56
N ILE A 259 -7.97 -22.14 -19.63
CA ILE A 259 -9.30 -21.76 -19.21
C ILE A 259 -9.57 -20.36 -19.72
N ALA A 260 -10.52 -20.22 -20.63
CA ALA A 260 -10.85 -18.90 -21.13
C ALA A 260 -11.26 -17.97 -20.00
N VAL A 261 -10.91 -16.68 -20.15
CA VAL A 261 -11.27 -15.70 -19.12
C VAL A 261 -12.77 -15.71 -18.88
N LEU A 262 -13.54 -15.64 -19.96
CA LEU A 262 -14.99 -15.65 -19.79
C LEU A 262 -15.50 -16.96 -19.18
N ASP A 263 -14.78 -18.07 -19.40
CA ASP A 263 -15.09 -19.30 -18.68
C ASP A 263 -14.80 -19.15 -17.19
N MET A 264 -13.64 -18.57 -16.84
CA MET A 264 -13.38 -18.32 -15.42
C MET A 264 -14.39 -17.33 -14.86
N CYS A 265 -14.82 -16.35 -15.67
CA CYS A 265 -15.87 -15.44 -15.21
C CYS A 265 -17.14 -16.20 -14.83
N ALA A 266 -17.50 -17.23 -15.61
CA ALA A 266 -18.67 -18.02 -15.27
C ALA A 266 -18.46 -18.77 -13.97
N SER A 267 -17.25 -19.28 -13.74
CA SER A 267 -16.93 -19.91 -12.47
C SER A 267 -17.09 -18.91 -11.33
N LEU A 268 -16.59 -17.69 -11.49
CA LEU A 268 -16.75 -16.67 -10.47
C LEU A 268 -18.22 -16.34 -10.23
N LYS A 269 -19.01 -16.24 -11.31
CA LYS A 269 -20.44 -15.98 -11.13
C LYS A 269 -21.09 -17.03 -10.24
N GLU A 270 -20.78 -18.30 -10.43
CA GLU A 270 -21.40 -19.34 -9.61
C GLU A 270 -20.94 -19.24 -8.16
N LEU A 271 -19.64 -19.00 -7.94
CA LEU A 271 -19.15 -18.77 -6.58
C LEU A 271 -19.88 -17.64 -5.89
N LEU A 272 -20.14 -16.54 -6.60
CA LEU A 272 -20.84 -15.43 -5.99
C LEU A 272 -22.27 -15.82 -5.64
N GLN A 273 -22.93 -16.58 -6.51
CA GLN A 273 -24.32 -16.96 -6.27
C GLN A 273 -24.46 -18.08 -5.24
N ASN A 274 -23.54 -19.04 -5.25
CA ASN A 274 -23.66 -20.23 -4.42
C ASN A 274 -22.83 -20.17 -3.14
N GLY A 275 -21.88 -19.24 -3.04
CA GLY A 275 -20.93 -19.37 -1.96
C GLY A 275 -20.05 -20.59 -2.23
N MET A 276 -19.33 -21.01 -1.19
CA MET A 276 -18.35 -22.06 -1.33
C MET A 276 -18.82 -23.42 -0.81
N ASN A 277 -19.94 -23.46 -0.07
CA ASN A 277 -20.46 -24.70 0.51
C ASN A 277 -19.38 -25.44 1.28
N GLY A 278 -18.71 -24.72 2.17
CA GLY A 278 -17.77 -25.34 3.09
C GLY A 278 -16.46 -25.77 2.50
N ARG A 279 -16.14 -25.40 1.27
CA ARG A 279 -14.85 -25.70 0.68
C ARG A 279 -13.96 -24.47 0.74
N THR A 280 -12.69 -24.66 0.38
CA THR A 280 -11.70 -23.60 0.40
C THR A 280 -10.98 -23.53 -0.95
N ILE A 281 -10.37 -22.37 -1.21
CA ILE A 281 -9.56 -22.15 -2.41
C ILE A 281 -8.24 -21.57 -1.95
N LEU A 282 -7.14 -22.24 -2.30
CA LEU A 282 -5.81 -21.81 -1.87
C LEU A 282 -5.80 -21.43 -0.38
N GLY A 283 -6.49 -22.24 0.43
CA GLY A 283 -6.50 -22.06 1.86
C GLY A 283 -7.41 -20.98 2.40
N SER A 284 -8.22 -20.35 1.55
CA SER A 284 -9.16 -19.32 2.01
C SER A 284 -10.59 -19.78 1.79
N ALA A 285 -11.46 -19.36 2.70
CA ALA A 285 -12.90 -19.60 2.58
C ALA A 285 -13.63 -18.40 1.99
N LEU A 286 -12.90 -17.41 1.49
CA LEU A 286 -13.54 -16.32 0.78
C LEU A 286 -12.73 -15.99 -0.47
N LEU A 287 -13.30 -15.12 -1.31
CA LEU A 287 -12.68 -14.80 -2.59
C LEU A 287 -11.64 -13.71 -2.37
N GLU A 288 -10.36 -14.02 -2.59
CA GLU A 288 -9.25 -13.11 -2.30
C GLU A 288 -9.02 -12.15 -3.45
N ASP A 289 -8.92 -10.84 -3.15
CA ASP A 289 -8.79 -9.86 -4.22
C ASP A 289 -7.54 -8.99 -4.08
N GLU A 290 -6.56 -9.38 -3.25
CA GLU A 290 -5.36 -8.58 -3.11
C GLU A 290 -4.15 -9.21 -3.81
N PHE A 291 -4.35 -10.08 -4.80
CA PHE A 291 -3.28 -10.50 -5.70
C PHE A 291 -3.54 -10.01 -7.12
N THR A 292 -2.58 -9.31 -7.72
CA THR A 292 -2.72 -8.91 -9.12
C THR A 292 -2.34 -10.04 -10.06
N PRO A 293 -2.70 -9.94 -11.34
CA PRO A 293 -2.17 -10.89 -12.33
C PRO A 293 -0.65 -11.01 -12.29
N PHE A 294 0.03 -9.87 -12.16
CA PHE A 294 1.49 -9.87 -12.03
C PHE A 294 1.94 -10.67 -10.81
N ASP A 295 1.30 -10.45 -9.66
CA ASP A 295 1.67 -11.20 -8.45
C ASP A 295 1.54 -12.69 -8.69
N VAL A 296 0.46 -13.10 -9.36
CA VAL A 296 0.24 -14.51 -9.63
C VAL A 296 1.35 -15.07 -10.52
N VAL A 297 1.60 -14.41 -11.66
CA VAL A 297 2.62 -14.89 -12.59
C VAL A 297 3.99 -14.93 -11.92
N ARG A 298 4.34 -13.88 -11.18
CA ARG A 298 5.63 -13.80 -10.49
C ARG A 298 5.84 -14.99 -9.57
N GLN A 299 4.79 -15.42 -8.88
CA GLN A 299 4.93 -16.42 -7.84
C GLN A 299 4.68 -17.83 -8.32
N CYS A 300 3.82 -18.02 -9.30
CA CYS A 300 3.40 -19.35 -9.72
C CYS A 300 4.37 -19.90 -10.78
N SER A 301 4.43 -21.23 -10.84
CA SER A 301 5.15 -21.91 -11.93
C SER A 301 4.67 -21.38 -13.28
N GLY A 302 5.54 -21.46 -14.28
CA GLY A 302 5.19 -21.01 -15.61
C GLY A 302 4.43 -22.06 -16.41
N ALA B 5 -15.88 9.67 15.96
CA ALA B 5 -14.46 9.36 16.07
C ALA B 5 -13.65 10.14 15.05
N THR B 6 -12.34 10.29 15.29
CA THR B 6 -11.50 11.05 14.40
C THR B 6 -10.33 10.22 13.88
N VAL B 7 -9.80 10.67 12.76
CA VAL B 7 -8.52 10.19 12.26
C VAL B 7 -7.46 10.33 13.34
N ARG B 8 -6.53 9.37 13.39
CA ARG B 8 -5.36 9.43 14.25
C ARG B 8 -4.13 9.54 13.36
N LEU B 9 -3.37 10.62 13.51
CA LEU B 9 -2.05 10.75 12.90
C LEU B 9 -1.06 9.93 13.72
N GLN B 10 -0.51 8.87 13.13
CA GLN B 10 0.19 7.85 13.91
C GLN B 10 1.67 8.14 14.16
N ALA B 11 2.01 9.39 14.50
CA ALA B 11 3.36 9.66 14.97
C ALA B 11 3.53 9.07 16.37
N GLY B 12 4.77 9.13 16.87
CA GLY B 12 5.09 8.64 18.18
C GLY B 12 5.57 9.75 19.10
N ASN B 13 5.80 9.36 20.35
CA ASN B 13 6.31 10.28 21.36
C ASN B 13 7.81 10.05 21.52
N ALA B 14 8.58 11.14 21.53
CA ALA B 14 10.04 11.05 21.59
C ALA B 14 10.51 10.51 22.94
#